data_7CS0
#
_entry.id   7CS0
#
_cell.length_a   56.374
_cell.length_b   56.374
_cell.length_c   122.866
_cell.angle_alpha   90.00
_cell.angle_beta   90.00
_cell.angle_gamma   120.00
#
_symmetry.space_group_name_H-M   'P 32'
#
loop_
_entity.id
_entity.type
_entity.pdbx_description
1 polymer "Aminoglycoside 2'-N-acetyltransferase"
2 non-polymer PAROMOMYCIN
3 non-polymer 'COENZYME A'
4 non-polymer 1,2-ETHANEDIOL
5 non-polymer 'ACETATE ION'
6 non-polymer 'CALCIUM ION'
7 water water
#
_entity_poly.entity_id   1
_entity_poly.type   'polypeptide(L)'
_entity_poly.pdbx_seq_one_letter_code
;MLTQHVSEARTRGAIHTARLIHTSDLDQETRDGARRMVIEAFRDPSGDSDFTDDFTDDDWDHALGGMHALISHHGALIAH
GAVVQRRLMYRGPDGRGHALRCGYVEAVAVREDRRGDGLGTAVLDALEQVIRGAYQIGALSASDIARPMYIARGWLSWEG
PTSVLTPTEGIVRTPEDDRSLFVLPVDLPDGLELDTAREITCDWRSGDPW
;
_entity_poly.pdbx_strand_id   A,B
#
loop_
_chem_comp.id
_chem_comp.type
_chem_comp.name
_chem_comp.formula
ACT non-polymer 'ACETATE ION' 'C2 H3 O2 -1'
CA non-polymer 'CALCIUM ION' 'Ca 2'
COA non-polymer 'COENZYME A' 'C21 H36 N7 O16 P3 S'
EDO non-polymer 1,2-ETHANEDIOL 'C2 H6 O2'
PAR non-polymer PAROMOMYCIN 'C23 H45 N5 O14'
#
# COMPACT_ATOMS: atom_id res chain seq x y z
N HIS A 16 -8.45 27.07 1.86
CA HIS A 16 -8.75 25.61 1.65
C HIS A 16 -7.74 24.76 2.44
N THR A 17 -8.22 23.90 3.35
CA THR A 17 -7.42 22.81 3.98
C THR A 17 -8.14 21.48 3.76
N ALA A 18 -7.43 20.48 3.24
CA ALA A 18 -7.94 19.10 3.09
C ALA A 18 -7.80 18.35 4.42
N ARG A 19 -8.79 17.55 4.80
CA ARG A 19 -8.65 16.61 5.95
C ARG A 19 -8.19 15.26 5.38
N LEU A 20 -7.26 14.60 6.09
CA LEU A 20 -6.70 13.29 5.68
C LEU A 20 -7.36 12.19 6.50
N ILE A 21 -7.85 11.16 5.84
CA ILE A 21 -8.54 10.03 6.50
C ILE A 21 -8.19 8.76 5.73
N HIS A 22 -7.87 7.72 6.46
CA HIS A 22 -7.61 6.38 5.89
C HIS A 22 -8.94 5.80 5.37
N THR A 23 -8.84 4.96 4.37
CA THR A 23 -9.98 4.23 3.76
C THR A 23 -10.79 3.63 4.91
N SER A 24 -10.12 2.93 5.84
CA SER A 24 -10.77 2.17 6.94
C SER A 24 -11.53 3.09 7.90
N ASP A 25 -11.31 4.42 7.90
CA ASP A 25 -12.04 5.35 8.82
C ASP A 25 -13.18 6.09 8.09
N LEU A 26 -13.32 5.94 6.77
CA LEU A 26 -14.44 6.57 6.02
C LEU A 26 -15.74 5.91 6.48
N ASP A 27 -16.75 6.72 6.82
CA ASP A 27 -18.13 6.20 7.01
C ASP A 27 -18.70 5.92 5.61
N GLN A 28 -19.75 5.11 5.57
CA GLN A 28 -20.33 4.60 4.31
C GLN A 28 -20.77 5.78 3.45
N GLU A 29 -21.40 6.78 4.05
CA GLU A 29 -21.97 7.92 3.28
C GLU A 29 -20.81 8.70 2.66
N THR A 30 -19.68 8.87 3.36
CA THR A 30 -18.52 9.64 2.82
C THR A 30 -17.86 8.87 1.68
N ARG A 31 -17.84 7.54 1.82
CA ARG A 31 -17.24 6.64 0.80
C ARG A 31 -18.08 6.74 -0.48
N ASP A 32 -19.41 6.60 -0.35
CA ASP A 32 -20.32 6.70 -1.52
C ASP A 32 -20.27 8.13 -2.10
N GLY A 33 -20.15 9.14 -1.23
CA GLY A 33 -20.02 10.56 -1.60
C GLY A 33 -18.77 10.79 -2.43
N ALA A 34 -17.66 10.23 -2.00
CA ALA A 34 -16.36 10.42 -2.69
C ALA A 34 -16.44 9.79 -4.08
N ARG A 35 -16.90 8.55 -4.18
CA ARG A 35 -16.99 7.82 -5.46
C ARG A 35 -17.91 8.56 -6.43
N ARG A 36 -19.06 9.04 -5.95
CA ARG A 36 -20.07 9.78 -6.75
C ARG A 36 -19.42 11.05 -7.32
N MET A 37 -18.75 11.83 -6.47
CA MET A 37 -18.09 13.10 -6.87
C MET A 37 -16.96 12.76 -7.87
N VAL A 38 -16.13 11.79 -7.56
CA VAL A 38 -14.97 11.45 -8.44
C VAL A 38 -15.51 10.97 -9.80
N ILE A 39 -16.49 10.06 -9.84
CA ILE A 39 -17.06 9.57 -11.14
C ILE A 39 -17.49 10.80 -11.97
N GLU A 40 -18.19 11.74 -11.37
CA GLU A 40 -18.76 12.93 -12.08
C GLU A 40 -17.62 13.84 -12.56
N ALA A 41 -16.62 14.11 -11.72
CA ALA A 41 -15.50 14.99 -12.05
C ALA A 41 -14.80 14.47 -13.30
N PHE A 42 -14.78 13.16 -13.51
CA PHE A 42 -14.01 12.52 -14.60
C PHE A 42 -14.92 12.42 -15.83
N ARG A 43 -16.20 12.76 -15.70
CA ARG A 43 -17.22 12.65 -16.79
C ARG A 43 -17.28 13.99 -17.52
N THR A 52 -19.59 2.56 -20.80
CA THR A 52 -18.22 3.09 -20.57
C THR A 52 -18.30 4.43 -19.85
N ASP A 53 -18.14 4.43 -18.52
CA ASP A 53 -17.77 5.66 -17.76
C ASP A 53 -16.25 5.68 -17.74
N ASP A 54 -15.67 6.88 -17.81
CA ASP A 54 -14.21 7.13 -17.84
C ASP A 54 -13.59 6.61 -16.55
N PHE A 55 -14.22 6.90 -15.40
CA PHE A 55 -13.83 6.36 -14.06
C PHE A 55 -14.52 5.00 -13.81
N THR A 56 -13.78 3.90 -13.88
CA THR A 56 -14.31 2.51 -13.85
C THR A 56 -14.35 1.93 -12.42
N ASP A 57 -14.81 0.69 -12.29
CA ASP A 57 -14.76 -0.05 -11.01
C ASP A 57 -13.28 -0.27 -10.62
N ASP A 58 -12.39 -0.59 -11.57
CA ASP A 58 -10.94 -0.78 -11.26
C ASP A 58 -10.34 0.56 -10.81
N ASP A 59 -10.69 1.65 -11.47
CA ASP A 59 -10.20 3.00 -11.08
C ASP A 59 -10.57 3.26 -9.60
N TRP A 60 -11.79 2.91 -9.17
CA TRP A 60 -12.21 3.11 -7.76
C TRP A 60 -11.37 2.20 -6.87
N ASP A 61 -11.23 0.93 -7.25
CA ASP A 61 -10.39 -0.06 -6.53
C ASP A 61 -9.00 0.53 -6.29
N HIS A 62 -8.44 1.20 -7.30
CA HIS A 62 -7.07 1.75 -7.25
C HIS A 62 -6.95 2.89 -6.25
N ALA A 63 -8.06 3.57 -5.93
CA ALA A 63 -8.11 4.72 -4.99
C ALA A 63 -8.29 4.29 -3.54
N LEU A 64 -8.49 3.01 -3.28
CA LEU A 64 -8.71 2.46 -1.91
C LEU A 64 -7.45 1.85 -1.30
N GLY A 65 -7.39 1.84 0.04
CA GLY A 65 -6.39 1.13 0.85
C GLY A 65 -5.39 2.09 1.46
N GLY A 66 -5.53 3.38 1.18
CA GLY A 66 -4.59 4.41 1.62
C GLY A 66 -5.25 5.59 2.31
N MET A 67 -4.62 6.74 2.19
CA MET A 67 -5.07 8.01 2.82
C MET A 67 -5.84 8.81 1.78
N HIS A 68 -7.02 9.31 2.17
CA HIS A 68 -7.86 10.19 1.32
C HIS A 68 -7.72 11.63 1.80
N ALA A 69 -7.58 12.56 0.87
CA ALA A 69 -7.72 14.00 1.15
C ALA A 69 -9.11 14.44 0.69
N LEU A 70 -9.89 15.02 1.61
CA LEU A 70 -11.29 15.43 1.39
C LEU A 70 -11.44 16.93 1.69
N ILE A 71 -12.15 17.65 0.83
CA ILE A 71 -12.63 19.04 1.08
C ILE A 71 -14.12 19.04 0.77
N SER A 72 -14.89 19.58 1.73
CA SER A 72 -16.36 19.65 1.79
C SER A 72 -16.79 21.11 1.83
N HIS A 73 -18.01 21.37 1.40
CA HIS A 73 -18.62 22.72 1.41
C HIS A 73 -20.11 22.54 1.27
N HIS A 74 -20.89 23.30 2.06
CA HIS A 74 -22.38 23.26 2.10
C HIS A 74 -22.84 21.79 2.20
N GLY A 75 -22.14 20.98 3.02
CA GLY A 75 -22.52 19.61 3.41
C GLY A 75 -22.22 18.57 2.32
N ALA A 76 -21.42 18.92 1.32
CA ALA A 76 -21.17 18.06 0.14
C ALA A 76 -19.69 18.14 -0.21
N LEU A 77 -19.12 17.04 -0.70
CA LEU A 77 -17.69 16.94 -1.06
C LEU A 77 -17.41 17.78 -2.30
N ILE A 78 -16.37 18.62 -2.33
CA ILE A 78 -16.02 19.41 -3.55
C ILE A 78 -14.65 19.01 -4.10
N ALA A 79 -13.84 18.31 -3.32
CA ALA A 79 -12.49 17.85 -3.72
C ALA A 79 -12.14 16.53 -3.05
N HIS A 80 -11.49 15.66 -3.81
CA HIS A 80 -10.96 14.34 -3.35
C HIS A 80 -9.57 14.13 -3.93
N GLY A 81 -8.76 13.40 -3.20
CA GLY A 81 -7.64 12.64 -3.79
C GLY A 81 -7.21 11.55 -2.85
N ALA A 82 -6.38 10.63 -3.32
CA ALA A 82 -5.95 9.47 -2.51
C ALA A 82 -4.49 9.13 -2.84
N VAL A 83 -3.79 8.64 -1.85
CA VAL A 83 -2.40 8.10 -2.04
C VAL A 83 -2.38 6.69 -1.44
N VAL A 84 -2.06 5.72 -2.27
CA VAL A 84 -2.06 4.27 -1.97
C VAL A 84 -0.65 3.75 -2.18
N GLN A 85 -0.27 2.72 -1.44
CA GLN A 85 1.08 2.16 -1.46
C GLN A 85 1.18 1.13 -2.60
N ARG A 86 2.28 1.20 -3.32
CA ARG A 86 2.67 0.17 -4.30
C ARG A 86 4.21 0.17 -4.39
N ARG A 87 4.74 -0.69 -5.26
CA ARG A 87 6.18 -0.77 -5.60
C ARG A 87 6.41 -0.30 -7.05
N LEU A 88 7.41 0.55 -7.23
CA LEU A 88 7.98 0.92 -8.54
C LEU A 88 9.38 0.32 -8.62
N MET A 89 9.67 -0.36 -9.72
CA MET A 89 10.96 -1.05 -9.97
C MET A 89 11.82 -0.17 -10.88
N TYR A 90 13.04 0.05 -10.42
CA TYR A 90 14.00 0.90 -11.13
C TYR A 90 15.39 0.29 -10.96
N ARG A 91 16.15 0.21 -12.06
CA ARG A 91 17.51 -0.35 -12.07
C ARG A 91 18.48 0.82 -12.26
N GLY A 92 19.37 1.03 -11.30
CA GLY A 92 20.41 2.07 -11.34
C GLY A 92 21.56 1.71 -12.29
N PRO A 93 22.44 2.68 -12.56
CA PRO A 93 23.57 2.47 -13.48
C PRO A 93 24.61 1.48 -12.93
N ASP A 94 24.58 1.18 -11.63
CA ASP A 94 25.41 0.12 -11.02
C ASP A 94 24.74 -1.26 -11.13
N GLY A 95 23.64 -1.38 -11.86
CA GLY A 95 23.00 -2.67 -12.18
C GLY A 95 22.07 -3.16 -11.07
N ARG A 96 22.06 -2.48 -9.92
CA ARG A 96 21.21 -2.91 -8.77
C ARG A 96 19.74 -2.51 -9.00
N GLY A 97 18.84 -3.48 -8.84
CA GLY A 97 17.39 -3.28 -8.96
C GLY A 97 16.82 -2.77 -7.66
N HIS A 98 15.99 -1.74 -7.72
CA HIS A 98 15.29 -1.21 -6.53
C HIS A 98 13.78 -1.45 -6.71
N ALA A 99 13.16 -1.93 -5.63
CA ALA A 99 11.69 -1.96 -5.49
C ALA A 99 11.31 -0.82 -4.55
N LEU A 100 11.02 0.36 -5.10
CA LEU A 100 10.85 1.59 -4.30
C LEU A 100 9.45 1.56 -3.66
N ARG A 101 9.37 1.88 -2.38
CA ARG A 101 8.10 2.12 -1.65
C ARG A 101 7.46 3.39 -2.20
N CYS A 102 6.38 3.23 -2.96
CA CYS A 102 5.74 4.31 -3.76
C CYS A 102 4.41 4.72 -3.12
N GLY A 103 4.25 6.03 -2.87
CA GLY A 103 2.94 6.68 -2.66
C GLY A 103 2.36 7.06 -4.01
N TYR A 104 1.43 6.27 -4.51
CA TYR A 104 0.81 6.45 -5.83
C TYR A 104 -0.47 7.31 -5.67
N VAL A 105 -0.56 8.42 -6.41
CA VAL A 105 -1.70 9.38 -6.30
C VAL A 105 -2.83 8.99 -7.26
N GLU A 106 -4.06 8.91 -6.74
CA GLU A 106 -5.22 8.43 -7.52
C GLU A 106 -6.42 9.33 -7.30
N ALA A 107 -7.29 9.43 -8.30
CA ALA A 107 -8.68 9.94 -8.12
C ALA A 107 -8.65 11.38 -7.61
N VAL A 108 -7.68 12.18 -8.03
CA VAL A 108 -7.67 13.62 -7.69
C VAL A 108 -8.73 14.32 -8.54
N ALA A 109 -9.70 14.94 -7.87
CA ALA A 109 -10.93 15.46 -8.50
C ALA A 109 -11.47 16.64 -7.70
N VAL A 110 -11.89 17.68 -8.43
CA VAL A 110 -12.54 18.90 -7.87
C VAL A 110 -13.84 19.12 -8.66
N ARG A 111 -14.93 19.32 -7.93
CA ARG A 111 -16.27 19.53 -8.54
C ARG A 111 -16.18 20.66 -9.59
N GLU A 112 -16.81 20.46 -10.74
CA GLU A 112 -16.76 21.32 -11.96
C GLU A 112 -16.85 22.83 -11.59
N ASP A 113 -17.82 23.20 -10.76
CA ASP A 113 -18.12 24.60 -10.37
C ASP A 113 -17.01 25.18 -9.47
N ARG A 114 -16.11 24.37 -8.91
CA ARG A 114 -15.15 24.87 -7.88
C ARG A 114 -13.70 24.86 -8.38
N ARG A 115 -13.47 24.61 -9.67
CA ARG A 115 -12.10 24.50 -10.24
C ARG A 115 -11.44 25.89 -10.37
N GLY A 116 -10.11 25.95 -10.21
CA GLY A 116 -9.32 27.20 -10.32
C GLY A 116 -9.35 28.06 -9.05
N ASP A 117 -9.89 27.57 -7.92
CA ASP A 117 -9.87 28.25 -6.61
C ASP A 117 -8.75 27.68 -5.71
N GLY A 118 -7.87 26.83 -6.26
CA GLY A 118 -6.75 26.23 -5.52
C GLY A 118 -7.13 24.93 -4.81
N LEU A 119 -8.31 24.37 -5.02
CA LEU A 119 -8.76 23.17 -4.24
C LEU A 119 -7.87 21.97 -4.54
N GLY A 120 -7.57 21.79 -5.82
CA GLY A 120 -6.61 20.81 -6.36
C GLY A 120 -5.27 20.91 -5.66
N THR A 121 -4.75 22.14 -5.55
CA THR A 121 -3.51 22.48 -4.79
C THR A 121 -3.66 22.00 -3.35
N ALA A 122 -4.77 22.29 -2.67
CA ALA A 122 -4.95 21.90 -1.26
C ALA A 122 -4.95 20.36 -1.15
N VAL A 123 -5.62 19.68 -2.08
CA VAL A 123 -5.63 18.20 -2.10
C VAL A 123 -4.18 17.73 -2.23
N LEU A 124 -3.40 18.19 -3.22
CA LEU A 124 -2.02 17.70 -3.48
C LEU A 124 -1.09 18.04 -2.31
N ASP A 125 -1.26 19.19 -1.64
CA ASP A 125 -0.49 19.58 -0.44
C ASP A 125 -0.63 18.49 0.62
N ALA A 126 -1.85 18.03 0.89
CA ALA A 126 -2.11 17.04 1.96
C ALA A 126 -1.56 15.68 1.51
N LEU A 127 -1.77 15.27 0.26
CA LEU A 127 -1.27 13.96 -0.24
C LEU A 127 0.26 13.98 -0.20
N GLU A 128 0.90 15.10 -0.55
CA GLU A 128 2.39 15.21 -0.56
C GLU A 128 2.91 15.12 0.88
N GLN A 129 2.14 15.59 1.85
CA GLN A 129 2.47 15.40 3.29
C GLN A 129 2.61 13.90 3.58
N VAL A 130 1.66 13.10 3.07
CA VAL A 130 1.66 11.63 3.28
C VAL A 130 2.91 11.08 2.60
N ILE A 131 3.14 11.47 1.34
CA ILE A 131 4.23 10.90 0.49
C ILE A 131 5.58 11.21 1.15
N ARG A 132 5.79 12.45 1.61
CA ARG A 132 7.08 12.85 2.24
C ARG A 132 7.19 12.14 3.59
N GLY A 133 6.08 11.97 4.29
CA GLY A 133 6.05 11.34 5.61
C GLY A 133 6.19 9.83 5.59
N ALA A 134 5.98 9.11 4.47
CA ALA A 134 5.83 7.63 4.54
C ALA A 134 6.51 6.87 3.40
N TYR A 135 6.92 7.50 2.31
CA TYR A 135 7.33 6.78 1.09
C TYR A 135 8.69 7.28 0.64
N GLN A 136 9.30 6.51 -0.27
CA GLN A 136 10.60 6.80 -0.91
C GLN A 136 10.36 7.65 -2.15
N ILE A 137 9.22 7.45 -2.81
CA ILE A 137 8.87 8.14 -4.08
C ILE A 137 7.35 8.32 -4.14
N GLY A 138 6.91 9.39 -4.81
CA GLY A 138 5.53 9.60 -5.27
C GLY A 138 5.46 9.43 -6.75
N ALA A 139 4.33 8.96 -7.26
CA ALA A 139 4.10 8.79 -8.70
C ALA A 139 2.62 8.86 -8.97
N LEU A 140 2.32 9.01 -10.25
CA LEU A 140 0.96 9.23 -10.80
C LEU A 140 1.05 9.34 -12.33
N SER A 141 -0.07 9.06 -12.98
CA SER A 141 -0.25 9.07 -14.45
C SER A 141 -1.37 10.08 -14.74
N ALA A 142 -1.00 11.30 -15.07
CA ALA A 142 -1.89 12.49 -15.05
C ALA A 142 -2.77 12.49 -16.30
N SER A 143 -4.04 12.88 -16.19
CA SER A 143 -4.81 13.37 -17.37
C SER A 143 -4.10 14.62 -17.91
N ASP A 144 -4.38 15.02 -19.15
CA ASP A 144 -3.76 16.22 -19.79
C ASP A 144 -4.10 17.49 -19.00
N ILE A 145 -5.35 17.67 -18.59
CA ILE A 145 -5.86 18.90 -17.91
C ILE A 145 -5.11 19.11 -16.58
N ALA A 146 -4.65 18.04 -15.94
CA ALA A 146 -3.99 18.09 -14.61
C ALA A 146 -2.49 18.36 -14.77
N ARG A 147 -1.93 18.22 -15.97
CA ARG A 147 -0.47 18.25 -16.19
C ARG A 147 0.13 19.52 -15.57
N PRO A 148 -0.36 20.75 -15.90
CA PRO A 148 0.28 21.98 -15.41
C PRO A 148 0.38 22.02 -13.89
N MET A 149 -0.65 21.48 -13.24
CA MET A 149 -0.78 21.47 -11.77
C MET A 149 0.40 20.70 -11.16
N TYR A 150 0.84 19.60 -11.79
CA TYR A 150 1.97 18.74 -11.32
C TYR A 150 3.30 19.44 -11.67
N ILE A 151 3.50 19.84 -12.92
CA ILE A 151 4.73 20.53 -13.41
C ILE A 151 5.00 21.72 -12.47
N ALA A 152 3.95 22.43 -12.06
CA ALA A 152 4.03 23.61 -11.16
C ALA A 152 4.54 23.22 -9.78
N ARG A 153 4.09 22.07 -9.27
CA ARG A 153 4.38 21.63 -7.88
C ARG A 153 5.78 20.99 -7.80
N GLY A 154 6.45 20.80 -8.95
CA GLY A 154 7.83 20.31 -9.04
C GLY A 154 7.89 18.79 -9.19
N TRP A 155 6.83 18.16 -9.68
CA TRP A 155 6.87 16.72 -10.04
C TRP A 155 7.72 16.60 -11.30
N LEU A 156 8.55 15.57 -11.39
CA LEU A 156 9.40 15.31 -12.57
C LEU A 156 8.59 14.51 -13.58
N SER A 157 8.57 15.02 -14.80
CA SER A 157 8.00 14.31 -15.95
C SER A 157 9.01 13.22 -16.29
N TRP A 158 8.54 12.01 -16.59
CA TRP A 158 9.43 10.89 -17.01
C TRP A 158 9.73 11.04 -18.50
N GLU A 159 10.96 10.69 -18.91
CA GLU A 159 11.43 10.82 -20.32
C GLU A 159 11.78 9.44 -20.90
N GLY A 160 11.97 8.43 -20.04
CA GLY A 160 12.27 7.05 -20.47
C GLY A 160 10.99 6.26 -20.73
N PRO A 161 11.16 4.98 -21.12
CA PRO A 161 10.04 4.07 -21.36
C PRO A 161 9.52 3.53 -20.03
N THR A 162 8.20 3.37 -19.96
CA THR A 162 7.46 2.82 -18.80
C THR A 162 7.01 1.42 -19.16
N SER A 163 6.89 0.59 -18.13
CA SER A 163 6.49 -0.82 -18.24
C SER A 163 5.77 -1.27 -16.96
N VAL A 164 5.12 -2.41 -17.04
CA VAL A 164 4.44 -3.10 -15.92
C VAL A 164 5.06 -4.48 -15.80
N LEU A 165 5.23 -4.96 -14.59
CA LEU A 165 5.65 -6.35 -14.31
C LEU A 165 4.39 -7.20 -14.33
N THR A 166 4.18 -8.00 -15.38
CA THR A 166 2.97 -8.85 -15.51
C THR A 166 3.22 -10.23 -14.90
N PRO A 167 2.16 -10.93 -14.46
CA PRO A 167 2.31 -12.27 -13.90
C PRO A 167 2.73 -13.39 -14.86
N THR A 168 2.41 -13.29 -16.15
CA THR A 168 2.54 -14.41 -17.12
C THR A 168 3.37 -14.00 -18.34
N GLU A 169 3.73 -12.73 -18.47
CA GLU A 169 4.46 -12.25 -19.68
C GLU A 169 5.74 -11.50 -19.33
N GLY A 170 6.13 -11.38 -18.06
CA GLY A 170 7.28 -10.56 -17.65
C GLY A 170 6.99 -9.07 -17.71
N ILE A 171 8.02 -8.25 -17.89
CA ILE A 171 7.90 -6.77 -17.96
C ILE A 171 7.47 -6.42 -19.38
N VAL A 172 6.32 -5.74 -19.52
CA VAL A 172 5.67 -5.36 -20.81
C VAL A 172 5.64 -3.83 -20.92
N ARG A 173 6.10 -3.28 -22.05
CA ARG A 173 6.14 -1.80 -22.24
C ARG A 173 4.72 -1.24 -22.14
N THR A 174 4.56 -0.04 -21.61
CA THR A 174 3.27 0.69 -21.47
C THR A 174 3.40 2.02 -22.18
N PRO A 175 3.59 1.98 -23.52
CA PRO A 175 3.95 3.18 -24.29
C PRO A 175 2.92 4.30 -24.13
N GLU A 176 1.65 3.92 -23.97
CA GLU A 176 0.51 4.85 -23.76
C GLU A 176 0.79 5.74 -22.55
N ASP A 177 1.51 5.23 -21.54
CA ASP A 177 1.74 5.93 -20.25
C ASP A 177 3.07 6.70 -20.24
N ASP A 178 3.91 6.60 -21.27
CA ASP A 178 5.23 7.26 -21.29
C ASP A 178 5.06 8.77 -21.08
N ARG A 179 4.04 9.37 -21.70
CA ARG A 179 3.89 10.84 -21.70
C ARG A 179 3.15 11.30 -20.44
N SER A 180 2.61 10.39 -19.62
CA SER A 180 1.69 10.72 -18.50
C SER A 180 2.38 10.69 -17.11
N LEU A 181 3.54 10.04 -17.00
CA LEU A 181 4.12 9.63 -15.69
C LEU A 181 4.80 10.84 -15.07
N PHE A 182 4.39 11.20 -13.85
CA PHE A 182 5.13 12.14 -12.99
C PHE A 182 5.66 11.38 -11.78
N VAL A 183 6.88 11.68 -11.31
CA VAL A 183 7.37 11.17 -9.99
C VAL A 183 7.81 12.35 -9.13
N LEU A 184 7.82 12.10 -7.82
CA LEU A 184 8.23 13.02 -6.75
C LEU A 184 9.18 12.24 -5.83
N PRO A 185 10.49 12.27 -6.13
CA PRO A 185 11.46 11.42 -5.43
C PRO A 185 11.82 12.00 -4.06
N VAL A 186 11.29 11.47 -2.96
CA VAL A 186 11.36 12.15 -1.64
C VAL A 186 12.42 11.55 -0.72
N ASP A 187 12.74 10.26 -0.81
CA ASP A 187 13.70 9.59 0.10
C ASP A 187 14.18 8.30 -0.57
N LEU A 188 14.95 8.45 -1.63
CA LEU A 188 15.58 7.36 -2.43
C LEU A 188 16.64 6.65 -1.62
N PRO A 189 16.84 5.34 -1.82
CA PRO A 189 17.88 4.61 -1.08
C PRO A 189 19.26 5.15 -1.43
N ASP A 190 20.24 4.85 -0.59
CA ASP A 190 21.65 5.27 -0.79
C ASP A 190 22.15 4.89 -2.18
N GLY A 191 22.87 5.79 -2.81
CA GLY A 191 23.43 5.44 -4.12
C GLY A 191 22.38 5.25 -5.19
N LEU A 192 21.32 6.08 -5.14
CA LEU A 192 20.28 6.04 -6.20
C LEU A 192 20.11 7.41 -6.86
N GLU A 193 20.61 7.48 -8.09
CA GLU A 193 20.42 8.69 -8.91
C GLU A 193 19.24 8.33 -9.81
N LEU A 194 18.17 9.07 -9.64
CA LEU A 194 16.97 8.93 -10.47
C LEU A 194 17.25 9.61 -11.81
N ASP A 195 17.33 8.85 -12.88
CA ASP A 195 17.50 9.39 -14.23
C ASP A 195 16.20 9.10 -14.97
N THR A 196 15.49 10.16 -15.38
CA THR A 196 14.17 10.10 -16.05
C THR A 196 14.27 9.52 -17.48
N ALA A 197 15.45 9.40 -18.04
CA ALA A 197 15.64 8.75 -19.37
C ALA A 197 15.54 7.24 -19.25
N ARG A 198 15.76 6.66 -18.06
CA ARG A 198 15.82 5.18 -17.88
C ARG A 198 14.39 4.61 -17.80
N GLU A 199 14.31 3.30 -17.92
CA GLU A 199 13.05 2.52 -17.79
C GLU A 199 12.59 2.50 -16.34
N ILE A 200 11.29 2.64 -16.12
CA ILE A 200 10.66 2.45 -14.79
C ILE A 200 9.43 1.55 -14.97
N THR A 201 9.24 0.63 -14.02
CA THR A 201 8.28 -0.49 -14.10
C THR A 201 7.36 -0.41 -12.89
N CYS A 202 6.06 -0.39 -13.09
CA CYS A 202 5.10 -0.52 -11.95
C CYS A 202 4.79 -1.99 -11.66
N ASP A 203 4.36 -2.30 -10.44
CA ASP A 203 3.87 -3.63 -10.06
C ASP A 203 2.50 -3.85 -10.72
N TRP A 204 2.07 -5.09 -10.70
CA TRP A 204 0.84 -5.53 -11.40
C TRP A 204 -0.41 -5.13 -10.61
N ARG A 205 -1.46 -4.73 -11.32
CA ARG A 205 -2.84 -4.64 -10.80
C ARG A 205 -3.79 -4.79 -11.98
N SER A 206 -5.08 -5.10 -11.77
CA SER A 206 -6.11 -5.12 -12.83
C SER A 206 -6.39 -3.67 -13.26
N GLY A 207 -6.99 -3.49 -14.45
CA GLY A 207 -7.25 -2.20 -15.09
C GLY A 207 -5.98 -1.54 -15.58
N ASP A 208 -5.94 -0.22 -15.52
CA ASP A 208 -4.80 0.66 -15.85
C ASP A 208 -3.66 0.32 -14.88
N PRO A 209 -2.54 -0.25 -15.37
CA PRO A 209 -1.41 -0.54 -14.49
C PRO A 209 -0.82 0.75 -13.90
N TRP A 210 -0.74 1.81 -14.71
CA TRP A 210 -0.40 3.18 -14.27
C TRP A 210 -1.67 4.03 -14.10
N THR B 17 -7.22 -1.04 23.24
CA THR B 17 -6.29 -0.08 23.90
C THR B 17 -5.27 0.50 22.88
N ALA B 18 -5.37 0.12 21.60
CA ALA B 18 -4.37 0.43 20.53
C ALA B 18 -4.74 1.72 19.79
N ARG B 19 -3.74 2.56 19.53
CA ARG B 19 -3.87 3.82 18.77
C ARG B 19 -3.46 3.54 17.32
N LEU B 20 -4.28 3.95 16.36
CA LEU B 20 -4.01 3.76 14.91
C LEU B 20 -3.43 5.05 14.35
N ILE B 21 -2.24 4.95 13.77
CA ILE B 21 -1.51 6.11 13.20
C ILE B 21 -0.87 5.72 11.87
N HIS B 22 -1.07 6.52 10.84
CA HIS B 22 -0.38 6.32 9.55
C HIS B 22 1.11 6.65 9.74
N THR B 23 2.00 5.91 9.06
CA THR B 23 3.47 6.13 9.13
C THR B 23 3.75 7.63 9.04
N SER B 24 3.08 8.24 8.07
CA SER B 24 2.90 9.68 7.80
C SER B 24 2.96 10.56 9.07
N ASP B 25 2.18 10.19 10.08
CA ASP B 25 1.91 11.06 11.24
C ASP B 25 2.75 10.60 12.43
N LEU B 26 3.66 9.62 12.26
CA LEU B 26 4.59 9.24 13.35
C LEU B 26 5.67 10.31 13.48
N ASP B 27 5.89 10.84 14.67
CA ASP B 27 7.06 11.73 14.90
C ASP B 27 8.29 10.83 15.03
N GLN B 28 9.47 11.42 14.91
CA GLN B 28 10.78 10.71 14.93
C GLN B 28 10.88 9.80 16.17
N GLU B 29 10.48 10.27 17.37
CA GLU B 29 10.75 9.45 18.59
C GLU B 29 9.84 8.25 18.61
N THR B 30 8.63 8.34 18.06
CA THR B 30 7.71 7.18 18.01
C THR B 30 8.28 6.16 17.02
N ARG B 31 8.73 6.56 15.84
CA ARG B 31 9.39 5.67 14.83
C ARG B 31 10.58 4.96 15.49
N ASP B 32 11.48 5.70 16.15
CA ASP B 32 12.69 5.10 16.77
C ASP B 32 12.28 4.21 17.94
N GLY B 33 11.34 4.67 18.78
CA GLY B 33 10.84 3.86 19.89
C GLY B 33 10.25 2.56 19.38
N ALA B 34 9.48 2.60 18.29
CA ALA B 34 8.79 1.39 17.78
C ALA B 34 9.83 0.45 17.22
N ARG B 35 10.71 0.95 16.38
CA ARG B 35 11.72 0.12 15.69
C ARG B 35 12.58 -0.60 16.74
N ARG B 36 13.02 0.12 17.77
CA ARG B 36 13.90 -0.39 18.85
C ARG B 36 13.16 -1.48 19.62
N MET B 37 11.89 -1.27 19.93
CA MET B 37 11.07 -2.27 20.65
C MET B 37 10.89 -3.50 19.75
N VAL B 38 10.58 -3.31 18.47
CA VAL B 38 10.33 -4.46 17.55
C VAL B 38 11.63 -5.25 17.37
N ILE B 39 12.79 -4.58 17.19
CA ILE B 39 14.09 -5.30 16.95
C ILE B 39 14.34 -6.21 18.16
N GLU B 40 14.20 -5.66 19.36
CA GLU B 40 14.45 -6.42 20.62
C GLU B 40 13.42 -7.55 20.77
N ALA B 41 12.16 -7.32 20.42
CA ALA B 41 11.10 -8.34 20.65
C ALA B 41 11.35 -9.58 19.79
N PHE B 42 12.02 -9.46 18.64
CA PHE B 42 12.24 -10.57 17.67
C PHE B 42 13.60 -11.25 17.88
N ARG B 43 14.38 -10.78 18.85
CA ARG B 43 15.62 -11.45 19.32
C ARG B 43 15.21 -12.49 20.36
N ASP B 44 15.64 -13.75 20.19
CA ASP B 44 15.35 -14.89 21.11
C ASP B 44 16.34 -14.84 22.28
N THR B 52 23.14 -12.84 14.82
CA THR B 52 22.69 -12.13 13.59
C THR B 52 21.28 -11.59 13.81
N ASP B 53 21.11 -10.26 13.80
CA ASP B 53 19.83 -9.56 14.11
C ASP B 53 18.72 -10.10 13.19
N ASP B 54 17.73 -10.74 13.79
CA ASP B 54 16.63 -11.42 13.07
C ASP B 54 15.77 -10.39 12.34
N PHE B 55 15.49 -9.24 12.95
CA PHE B 55 14.65 -8.19 12.33
C PHE B 55 15.58 -7.19 11.65
N THR B 56 15.60 -7.24 10.31
CA THR B 56 16.55 -6.51 9.44
C THR B 56 16.03 -5.12 9.09
N ASP B 57 16.84 -4.34 8.38
CA ASP B 57 16.48 -3.05 7.76
C ASP B 57 15.33 -3.28 6.78
N ASP B 58 15.39 -4.37 6.01
CA ASP B 58 14.34 -4.73 5.04
C ASP B 58 13.06 -5.05 5.82
N ASP B 59 13.15 -5.77 6.94
CA ASP B 59 11.95 -6.06 7.76
C ASP B 59 11.31 -4.73 8.21
N TRP B 60 12.10 -3.73 8.60
CA TRP B 60 11.53 -2.44 9.03
C TRP B 60 10.89 -1.73 7.83
N ASP B 61 11.57 -1.73 6.66
CA ASP B 61 11.01 -1.14 5.41
C ASP B 61 9.62 -1.73 5.17
N HIS B 62 9.47 -3.04 5.36
CA HIS B 62 8.19 -3.77 5.09
C HIS B 62 7.10 -3.22 6.02
N ALA B 63 7.44 -2.69 7.21
CA ALA B 63 6.46 -2.23 8.22
C ALA B 63 6.01 -0.80 7.95
N LEU B 64 6.59 -0.14 6.94
CA LEU B 64 6.33 1.31 6.69
C LEU B 64 5.39 1.48 5.51
N GLY B 65 4.60 2.55 5.58
CA GLY B 65 3.73 3.03 4.50
C GLY B 65 2.26 2.79 4.76
N GLY B 66 1.91 2.24 5.90
CA GLY B 66 0.50 1.92 6.22
C GLY B 66 0.12 2.40 7.60
N MET B 67 -0.80 1.70 8.25
CA MET B 67 -1.29 2.06 9.59
C MET B 67 -0.54 1.26 10.64
N HIS B 68 -0.04 1.95 11.65
CA HIS B 68 0.59 1.39 12.88
C HIS B 68 -0.47 1.38 13.99
N ALA B 69 -0.57 0.23 14.67
CA ALA B 69 -1.26 0.03 15.97
C ALA B 69 -0.22 0.14 17.08
N LEU B 70 -0.36 1.15 17.96
CA LEU B 70 0.59 1.45 19.04
C LEU B 70 -0.13 1.38 20.38
N ILE B 71 0.57 0.81 21.38
CA ILE B 71 0.20 0.86 22.81
C ILE B 71 1.46 1.27 23.60
N SER B 72 1.37 2.40 24.28
CA SER B 72 2.41 2.94 25.15
C SER B 72 1.90 2.94 26.59
N HIS B 73 2.81 2.82 27.56
CA HIS B 73 2.48 2.93 29.01
C HIS B 73 3.57 3.78 29.65
N HIS B 74 3.15 4.89 30.26
CA HIS B 74 4.02 5.86 30.98
C HIS B 74 5.20 6.25 30.10
N GLY B 75 4.92 6.67 28.87
CA GLY B 75 5.95 7.20 27.95
C GLY B 75 6.67 6.11 27.17
N ALA B 76 6.45 4.83 27.48
CA ALA B 76 7.21 3.69 26.91
C ALA B 76 6.33 2.97 25.88
N LEU B 77 6.86 2.61 24.71
CA LEU B 77 6.08 1.80 23.73
C LEU B 77 6.17 0.33 24.13
N ILE B 78 5.04 -0.33 24.34
CA ILE B 78 5.00 -1.75 24.82
C ILE B 78 4.39 -2.68 23.76
N ALA B 79 3.73 -2.15 22.72
CA ALA B 79 3.12 -2.97 21.64
C ALA B 79 3.05 -2.18 20.35
N HIS B 80 3.15 -2.92 19.25
CA HIS B 80 3.24 -2.41 17.86
C HIS B 80 2.79 -3.48 16.87
N GLY B 81 2.20 -3.03 15.78
CA GLY B 81 1.85 -3.81 14.59
C GLY B 81 1.61 -2.86 13.45
N ALA B 82 1.79 -3.32 12.22
CA ALA B 82 1.53 -2.52 11.01
C ALA B 82 0.74 -3.32 9.97
N VAL B 83 -0.12 -2.63 9.24
CA VAL B 83 -0.81 -3.25 8.09
C VAL B 83 -0.46 -2.37 6.88
N VAL B 84 0.17 -2.97 5.86
CA VAL B 84 0.64 -2.24 4.67
C VAL B 84 -0.02 -2.86 3.45
N GLN B 85 -0.27 -2.02 2.44
CA GLN B 85 -0.94 -2.43 1.20
C GLN B 85 0.06 -3.07 0.23
N ARG B 86 -0.39 -4.18 -0.34
CA ARG B 86 0.23 -4.81 -1.52
C ARG B 86 -0.84 -5.61 -2.29
N ARG B 87 -0.42 -6.23 -3.39
CA ARG B 87 -1.30 -7.12 -4.21
C ARG B 87 -0.89 -8.59 -4.01
N LEU B 88 -1.86 -9.47 -3.80
CA LEU B 88 -1.66 -10.95 -3.85
C LEU B 88 -2.34 -11.45 -5.13
N MET B 89 -1.64 -12.27 -5.92
CA MET B 89 -2.12 -12.82 -7.21
C MET B 89 -2.65 -14.24 -7.01
N TYR B 90 -3.85 -14.51 -7.51
CA TYR B 90 -4.57 -15.79 -7.35
C TYR B 90 -5.38 -16.01 -8.61
N ARG B 91 -5.22 -17.18 -9.20
CA ARG B 91 -5.95 -17.63 -10.39
C ARG B 91 -6.98 -18.66 -9.93
N GLY B 92 -8.25 -18.38 -10.22
CA GLY B 92 -9.37 -19.27 -9.90
C GLY B 92 -9.51 -20.38 -10.94
N PRO B 93 -10.32 -21.42 -10.66
CA PRO B 93 -10.47 -22.55 -11.55
C PRO B 93 -11.27 -22.22 -12.84
N ASP B 94 -11.76 -20.99 -13.00
CA ASP B 94 -12.33 -20.47 -14.27
C ASP B 94 -11.18 -19.84 -15.08
N GLY B 95 -9.97 -19.95 -14.55
CA GLY B 95 -8.72 -19.49 -15.15
C GLY B 95 -8.53 -17.98 -15.03
N ARG B 96 -9.45 -17.22 -14.40
CA ARG B 96 -9.47 -15.75 -14.60
C ARG B 96 -8.16 -15.08 -14.14
N GLY B 97 -7.78 -15.10 -12.88
CA GLY B 97 -6.60 -14.30 -12.49
C GLY B 97 -7.02 -13.06 -11.73
N HIS B 98 -6.64 -12.93 -10.48
CA HIS B 98 -7.05 -11.78 -9.63
C HIS B 98 -5.83 -11.19 -8.94
N ALA B 99 -5.73 -9.85 -8.91
CA ALA B 99 -4.71 -9.12 -8.14
C ALA B 99 -5.42 -8.43 -6.97
N LEU B 100 -5.46 -9.10 -5.82
CA LEU B 100 -6.31 -8.77 -4.65
C LEU B 100 -5.68 -7.63 -3.85
N ARG B 101 -6.48 -6.65 -3.45
CA ARG B 101 -6.00 -5.54 -2.63
C ARG B 101 -5.82 -6.09 -1.22
N CYS B 102 -4.56 -6.25 -0.80
CA CYS B 102 -4.15 -6.97 0.42
C CYS B 102 -3.68 -6.00 1.52
N GLY B 103 -4.19 -6.17 2.74
CA GLY B 103 -3.57 -5.62 3.96
C GLY B 103 -2.63 -6.63 4.56
N TYR B 104 -1.33 -6.40 4.41
CA TYR B 104 -0.27 -7.33 4.84
C TYR B 104 0.20 -6.93 6.24
N VAL B 105 0.21 -7.88 7.18
CA VAL B 105 0.49 -7.60 8.61
C VAL B 105 1.97 -7.81 8.86
N GLU B 106 2.62 -6.81 9.46
CA GLU B 106 4.09 -6.79 9.65
C GLU B 106 4.42 -6.36 11.07
N ALA B 107 5.56 -6.84 11.57
CA ALA B 107 6.24 -6.34 12.77
C ALA B 107 5.28 -6.34 13.97
N VAL B 108 4.50 -7.40 14.16
CA VAL B 108 3.62 -7.51 15.35
C VAL B 108 4.51 -7.86 16.56
N ALA B 109 4.57 -6.98 17.57
CA ALA B 109 5.52 -7.13 18.69
C ALA B 109 4.99 -6.53 20.01
N VAL B 110 5.32 -7.18 21.13
CA VAL B 110 4.96 -6.77 22.52
C VAL B 110 6.23 -6.90 23.37
N ARG B 111 6.57 -5.84 24.13
CA ARG B 111 7.76 -5.83 25.02
C ARG B 111 7.65 -7.08 25.92
N GLU B 112 8.73 -7.84 26.06
CA GLU B 112 8.67 -9.25 26.54
C GLU B 112 8.01 -9.38 27.94
N ASP B 113 8.32 -8.47 28.87
CA ASP B 113 7.76 -8.45 30.25
C ASP B 113 6.25 -8.20 30.20
N ARG B 114 5.72 -7.60 29.14
CA ARG B 114 4.28 -7.24 29.06
C ARG B 114 3.49 -8.31 28.29
N ARG B 115 4.07 -9.42 27.92
CA ARG B 115 3.38 -10.45 27.09
C ARG B 115 2.39 -11.29 27.89
N GLY B 116 1.45 -11.91 27.17
CA GLY B 116 0.40 -12.77 27.75
C GLY B 116 -0.64 -11.99 28.53
N ASP B 117 -0.85 -10.70 28.25
CA ASP B 117 -1.87 -9.89 28.99
C ASP B 117 -2.86 -9.23 28.02
N GLY B 118 -3.02 -9.78 26.82
CA GLY B 118 -3.98 -9.28 25.82
C GLY B 118 -3.48 -8.12 24.96
N LEU B 119 -2.18 -7.75 25.01
CA LEU B 119 -1.70 -6.56 24.25
C LEU B 119 -1.65 -6.91 22.75
N GLY B 120 -1.11 -8.08 22.41
CA GLY B 120 -1.03 -8.64 21.05
C GLY B 120 -2.41 -8.68 20.42
N THR B 121 -3.38 -9.23 21.16
CA THR B 121 -4.80 -9.27 20.80
C THR B 121 -5.25 -7.86 20.47
N ALA B 122 -5.00 -6.88 21.34
CA ALA B 122 -5.44 -5.48 21.14
C ALA B 122 -4.83 -4.92 19.84
N VAL B 123 -3.54 -5.20 19.59
CA VAL B 123 -2.86 -4.78 18.33
C VAL B 123 -3.58 -5.41 17.14
N LEU B 124 -3.81 -6.72 17.15
CA LEU B 124 -4.46 -7.40 15.99
C LEU B 124 -5.92 -6.93 15.84
N ASP B 125 -6.59 -6.60 16.95
CA ASP B 125 -8.00 -6.14 16.94
C ASP B 125 -8.05 -4.87 16.08
N ALA B 126 -7.03 -4.02 16.26
CA ALA B 126 -6.96 -2.70 15.60
C ALA B 126 -6.54 -2.92 14.15
N LEU B 127 -5.59 -3.83 13.87
CA LEU B 127 -5.14 -4.05 12.47
C LEU B 127 -6.28 -4.70 11.68
N GLU B 128 -7.08 -5.57 12.28
CA GLU B 128 -8.18 -6.27 11.55
C GLU B 128 -9.29 -5.29 11.20
N GLN B 129 -9.46 -4.26 12.01
CA GLN B 129 -10.39 -3.14 11.77
C GLN B 129 -9.95 -2.40 10.50
N VAL B 130 -8.66 -2.12 10.38
CA VAL B 130 -8.05 -1.54 9.13
C VAL B 130 -8.36 -2.49 7.96
N ILE B 131 -8.06 -3.77 8.11
CA ILE B 131 -8.12 -4.76 7.00
C ILE B 131 -9.58 -4.85 6.51
N ARG B 132 -10.51 -4.94 7.46
CA ARG B 132 -11.95 -5.15 7.19
C ARG B 132 -12.49 -3.86 6.55
N GLY B 133 -11.93 -2.71 6.91
CA GLY B 133 -12.41 -1.40 6.46
C GLY B 133 -11.84 -0.99 5.12
N ALA B 134 -10.73 -1.59 4.65
CA ALA B 134 -9.92 -1.03 3.54
C ALA B 134 -9.49 -2.04 2.45
N TYR B 135 -9.50 -3.34 2.70
CA TYR B 135 -8.81 -4.32 1.82
C TYR B 135 -9.76 -5.47 1.47
N GLN B 136 -9.38 -6.24 0.46
CA GLN B 136 -10.14 -7.41 -0.05
C GLN B 136 -9.77 -8.62 0.79
N ILE B 137 -8.52 -8.63 1.25
CA ILE B 137 -7.91 -9.78 1.97
C ILE B 137 -6.84 -9.25 2.94
N GLY B 138 -6.75 -9.83 4.12
CA GLY B 138 -5.57 -9.72 5.02
C GLY B 138 -4.64 -10.88 4.78
N ALA B 139 -3.34 -10.66 4.88
CA ALA B 139 -2.34 -11.74 4.78
C ALA B 139 -1.18 -11.45 5.72
N LEU B 140 -0.51 -12.52 6.13
CA LEU B 140 0.80 -12.46 6.81
C LEU B 140 1.51 -13.79 6.71
N SER B 141 2.78 -13.77 7.06
CA SER B 141 3.69 -14.94 7.10
C SER B 141 4.19 -15.06 8.53
N ALA B 142 3.49 -15.84 9.35
CA ALA B 142 3.67 -15.90 10.82
C ALA B 142 4.97 -16.64 11.15
N SER B 143 5.74 -16.10 12.10
CA SER B 143 6.77 -16.87 12.85
C SER B 143 6.12 -18.16 13.36
N ASP B 144 6.74 -19.32 13.11
CA ASP B 144 6.23 -20.63 13.64
C ASP B 144 6.46 -20.62 15.15
N ILE B 145 5.51 -19.99 15.84
CA ILE B 145 5.41 -19.78 17.31
C ILE B 145 4.09 -19.05 17.48
N ALA B 146 3.89 -18.00 16.68
CA ALA B 146 2.67 -17.17 16.64
C ALA B 146 1.53 -17.86 15.86
N ARG B 147 1.78 -18.97 15.16
CA ARG B 147 0.78 -19.61 14.26
C ARG B 147 -0.52 -19.91 15.01
N PRO B 148 -0.52 -20.48 16.24
CA PRO B 148 -1.78 -20.73 16.94
C PRO B 148 -2.56 -19.44 17.28
N MET B 149 -1.87 -18.32 17.51
CA MET B 149 -2.57 -17.05 17.85
C MET B 149 -3.44 -16.62 16.67
N TYR B 150 -2.91 -16.71 15.44
CA TYR B 150 -3.66 -16.34 14.22
C TYR B 150 -4.81 -17.32 14.00
N ILE B 151 -4.52 -18.63 14.07
CA ILE B 151 -5.52 -19.73 13.85
C ILE B 151 -6.73 -19.48 14.77
N ALA B 152 -6.49 -19.04 16.01
CA ALA B 152 -7.52 -18.72 17.04
C ALA B 152 -8.37 -17.50 16.64
N ARG B 153 -7.81 -16.55 15.88
CA ARG B 153 -8.54 -15.30 15.48
C ARG B 153 -9.40 -15.55 14.22
N GLY B 154 -9.27 -16.72 13.59
CA GLY B 154 -10.06 -17.06 12.40
C GLY B 154 -9.26 -16.80 11.14
N TRP B 155 -7.94 -16.55 11.24
CA TRP B 155 -7.04 -16.53 10.07
C TRP B 155 -6.94 -17.96 9.49
N LEU B 156 -6.93 -18.07 8.14
CA LEU B 156 -6.93 -19.36 7.39
C LEU B 156 -5.51 -19.69 6.96
N SER B 157 -5.03 -20.87 7.28
CA SER B 157 -3.69 -21.34 6.90
C SER B 157 -3.73 -21.62 5.40
N TRP B 158 -2.76 -21.15 4.63
CA TRP B 158 -2.67 -21.54 3.20
C TRP B 158 -2.19 -22.99 3.15
N GLU B 159 -2.76 -23.80 2.27
CA GLU B 159 -2.39 -25.23 2.13
C GLU B 159 -1.63 -25.43 0.82
N GLY B 160 -1.81 -24.56 -0.17
CA GLY B 160 -1.17 -24.71 -1.49
C GLY B 160 0.26 -24.20 -1.51
N PRO B 161 0.92 -24.30 -2.67
CA PRO B 161 2.23 -23.68 -2.89
C PRO B 161 2.16 -22.14 -2.96
N THR B 162 3.15 -21.49 -2.33
CA THR B 162 3.29 -20.02 -2.30
C THR B 162 4.41 -19.68 -3.26
N SER B 163 4.37 -18.47 -3.83
CA SER B 163 5.36 -18.00 -4.82
C SER B 163 5.37 -16.46 -4.83
N VAL B 164 6.31 -15.88 -5.56
CA VAL B 164 6.51 -14.40 -5.68
C VAL B 164 6.68 -14.06 -7.14
N LEU B 165 6.11 -12.95 -7.58
CA LEU B 165 6.27 -12.42 -8.95
C LEU B 165 7.59 -11.64 -8.98
N THR B 166 8.66 -12.22 -9.54
CA THR B 166 9.99 -11.57 -9.56
C THR B 166 10.06 -10.74 -10.82
N PRO B 167 10.86 -9.66 -10.85
CA PRO B 167 11.03 -8.89 -12.08
C PRO B 167 11.79 -9.54 -13.26
N THR B 168 12.77 -10.42 -13.04
CA THR B 168 13.66 -11.00 -14.10
C THR B 168 13.38 -12.49 -14.35
N GLU B 169 13.16 -13.27 -13.29
CA GLU B 169 12.52 -14.60 -13.37
C GLU B 169 11.03 -14.33 -13.38
N GLY B 170 10.20 -15.31 -13.60
CA GLY B 170 8.75 -15.05 -13.53
C GLY B 170 8.22 -15.27 -12.14
N ILE B 171 7.15 -16.03 -12.01
CA ILE B 171 6.67 -16.50 -10.69
C ILE B 171 7.63 -17.60 -10.19
N VAL B 172 8.27 -17.38 -9.04
CA VAL B 172 9.24 -18.35 -8.46
C VAL B 172 8.68 -18.88 -7.15
N ARG B 173 8.79 -20.18 -6.93
CA ARG B 173 8.24 -20.85 -5.72
C ARG B 173 8.97 -20.30 -4.49
N THR B 174 8.25 -20.20 -3.36
CA THR B 174 8.79 -19.80 -2.04
C THR B 174 8.45 -20.89 -1.02
N PRO B 175 8.98 -22.13 -1.21
CA PRO B 175 8.65 -23.27 -0.35
C PRO B 175 8.74 -22.98 1.16
N GLU B 176 9.73 -22.17 1.58
CA GLU B 176 9.99 -21.86 3.01
C GLU B 176 8.78 -21.14 3.65
N ASP B 177 7.96 -20.44 2.86
CA ASP B 177 6.79 -19.63 3.34
C ASP B 177 5.48 -20.40 3.23
N ASP B 178 5.46 -21.56 2.57
CA ASP B 178 4.29 -22.47 2.47
C ASP B 178 3.63 -22.78 3.83
N ARG B 179 4.38 -23.04 4.91
CA ARG B 179 3.73 -23.34 6.22
C ARG B 179 3.41 -22.06 6.98
N SER B 180 3.87 -20.89 6.54
CA SER B 180 3.87 -19.62 7.35
C SER B 180 2.69 -18.72 6.96
N LEU B 181 2.15 -18.87 5.76
CA LEU B 181 1.21 -17.90 5.15
C LEU B 181 -0.19 -18.09 5.74
N PHE B 182 -0.73 -17.03 6.33
CA PHE B 182 -2.15 -16.92 6.77
C PHE B 182 -2.91 -15.86 5.97
N VAL B 183 -4.18 -16.12 5.62
CA VAL B 183 -5.09 -15.15 4.94
C VAL B 183 -6.38 -14.95 5.74
N LEU B 184 -6.95 -13.76 5.61
CA LEU B 184 -8.22 -13.30 6.21
C LEU B 184 -9.03 -12.67 5.08
N PRO B 185 -9.80 -13.49 4.34
CA PRO B 185 -10.57 -13.01 3.19
C PRO B 185 -11.78 -12.22 3.66
N VAL B 186 -11.73 -10.89 3.61
CA VAL B 186 -12.73 -9.99 4.26
C VAL B 186 -13.75 -9.53 3.22
N ASP B 187 -13.36 -9.28 1.97
CA ASP B 187 -14.27 -8.68 0.96
C ASP B 187 -13.78 -8.98 -0.45
N LEU B 188 -13.82 -10.25 -0.84
CA LEU B 188 -13.34 -10.73 -2.17
C LEU B 188 -14.26 -10.22 -3.28
N PRO B 189 -13.71 -10.00 -4.50
CA PRO B 189 -14.51 -9.48 -5.60
C PRO B 189 -15.37 -10.55 -6.28
N ASP B 190 -16.37 -10.10 -7.03
CA ASP B 190 -17.20 -10.95 -7.92
C ASP B 190 -17.81 -12.08 -7.08
N GLY B 191 -17.67 -13.34 -7.51
CA GLY B 191 -18.17 -14.51 -6.76
C GLY B 191 -17.10 -15.17 -5.90
N LEU B 192 -15.87 -14.63 -5.92
CA LEU B 192 -14.62 -15.40 -5.70
C LEU B 192 -14.62 -15.98 -4.28
N GLU B 193 -14.42 -17.29 -4.16
CA GLU B 193 -14.03 -17.92 -2.88
C GLU B 193 -12.72 -18.61 -3.12
N LEU B 194 -11.74 -18.32 -2.28
CA LEU B 194 -10.37 -18.85 -2.42
C LEU B 194 -10.40 -20.36 -2.21
N ASP B 195 -9.62 -21.08 -2.98
CA ASP B 195 -9.24 -22.46 -2.63
C ASP B 195 -7.79 -22.41 -2.13
N THR B 196 -7.61 -22.65 -0.84
CA THR B 196 -6.34 -22.56 -0.09
C THR B 196 -5.38 -23.68 -0.54
N ALA B 197 -5.85 -24.65 -1.33
CA ALA B 197 -4.96 -25.67 -1.94
C ALA B 197 -4.37 -25.18 -3.26
N ARG B 198 -4.91 -24.12 -3.87
CA ARG B 198 -4.36 -23.56 -5.12
C ARG B 198 -3.08 -22.79 -4.82
N GLU B 199 -2.39 -22.30 -5.86
CA GLU B 199 -1.20 -21.44 -5.69
C GLU B 199 -1.63 -20.02 -5.32
N ILE B 200 -0.77 -19.32 -4.60
CA ILE B 200 -0.96 -17.85 -4.34
C ILE B 200 0.40 -17.18 -4.39
N THR B 201 0.45 -16.00 -5.04
CA THR B 201 1.70 -15.34 -5.45
C THR B 201 1.72 -13.94 -4.87
N CYS B 202 2.83 -13.54 -4.26
CA CYS B 202 2.92 -12.15 -3.72
C CYS B 202 3.64 -11.27 -4.75
N ASP B 203 3.50 -9.96 -4.62
CA ASP B 203 4.24 -9.01 -5.44
C ASP B 203 5.64 -8.91 -4.88
N TRP B 204 6.53 -8.38 -5.70
CA TRP B 204 7.99 -8.29 -5.44
C TRP B 204 8.32 -7.18 -4.43
N ARG B 205 9.28 -7.45 -3.56
CA ARG B 205 9.96 -6.44 -2.72
C ARG B 205 11.32 -7.02 -2.39
N SER B 206 12.25 -6.19 -1.93
CA SER B 206 13.57 -6.67 -1.44
C SER B 206 13.39 -7.33 -0.07
N GLY B 207 14.34 -8.15 0.37
CA GLY B 207 14.26 -8.96 1.60
C GLY B 207 13.27 -10.10 1.44
N ASP B 208 12.63 -10.50 2.52
CA ASP B 208 11.58 -11.55 2.48
C ASP B 208 10.41 -11.05 1.64
N PRO B 209 10.09 -11.72 0.49
CA PRO B 209 8.84 -11.46 -0.23
C PRO B 209 7.59 -11.72 0.60
N TRP B 210 7.57 -12.80 1.38
CA TRP B 210 6.49 -13.09 2.36
C TRP B 210 6.95 -12.67 3.76
C11 PAR C . -6.22 9.17 -14.42
O11 PAR C . -5.40 8.08 -14.73
C21 PAR C . -6.09 9.40 -12.94
N21 PAR C . -4.76 9.91 -12.53
C31 PAR C . -6.50 8.12 -12.20
O31 PAR C . -6.38 8.30 -10.79
C41 PAR C . -7.95 7.81 -12.57
O41 PAR C . -8.44 6.57 -12.04
C51 PAR C . -8.14 7.75 -14.08
O51 PAR C . -7.56 8.89 -14.77
C61 PAR C . -9.62 7.76 -14.40
O61 PAR C . -9.86 7.25 -15.69
C12 PAR C . -3.24 7.16 -18.16
N12 PAR C . -2.70 6.65 -19.46
C22 PAR C . -3.72 5.99 -17.29
C32 PAR C . -4.12 6.54 -15.92
N32 PAR C . -4.54 5.43 -15.02
C42 PAR C . -5.24 7.58 -16.06
C52 PAR C . -4.82 8.69 -17.04
O52 PAR C . -5.88 9.66 -17.32
C62 PAR C . -4.42 8.11 -18.39
O62 PAR C . -4.07 9.18 -19.25
C13 PAR C . -7.10 9.12 -17.73
C23 PAR C . -8.14 10.24 -17.64
O23 PAR C . -9.44 9.75 -17.40
C33 PAR C . -8.00 10.95 -18.99
O33 PAR C . -9.28 11.48 -19.34
C43 PAR C . -7.53 9.83 -19.93
O43 PAR C . -7.09 8.74 -19.11
C53 PAR C . -6.43 10.20 -20.92
O53 PAR C . -5.53 11.19 -20.43
C14 PAR C . -9.30 12.62 -20.19
C24 PAR C . -10.68 13.26 -20.16
N24 PAR C . -11.77 12.27 -20.22
C34 PAR C . -10.86 14.32 -21.25
O34 PAR C . -10.20 15.52 -20.86
C44 PAR C . -10.34 13.84 -22.60
O44 PAR C . -11.19 12.80 -23.08
C54 PAR C . -8.91 13.32 -22.45
O54 PAR C . -8.92 12.23 -21.52
C64 PAR C . -8.28 12.79 -23.73
N64 PAR C . -8.75 11.45 -24.14
N1A COA D . -5.19 28.89 -16.83
C2A COA D . -4.61 27.69 -16.83
N3A COA D . -4.04 27.03 -15.82
C4A COA D . -4.13 27.75 -14.68
C5A COA D . -4.69 29.00 -14.53
C6A COA D . -5.24 29.59 -15.68
N6A COA D . -5.82 30.80 -15.69
N7A COA D . -4.59 29.41 -13.21
C8A COA D . -3.98 28.43 -12.59
N9A COA D . -3.67 27.38 -13.44
C1B COA D . -2.99 26.12 -13.12
C2B COA D . -2.03 26.21 -11.93
O2B COA D . -0.93 25.35 -12.08
C3B COA D . -2.97 25.78 -10.80
O3B COA D . -2.30 25.45 -9.57
P3B COA D . -2.21 26.70 -8.52
O7A COA D . -3.59 27.33 -8.41
O8A COA D . -1.18 27.69 -9.08
O9A COA D . -1.75 26.13 -7.20
C4B COA D . -3.62 24.60 -11.50
O4B COA D . -3.95 25.14 -12.79
C5B COA D . -4.87 24.06 -10.84
O5B COA D . -4.94 24.63 -9.53
P1A COA D . -6.25 24.47 -8.67
O1A COA D . -5.90 24.04 -7.27
O2A COA D . -7.16 25.63 -8.87
O3A COA D . -6.88 23.26 -9.44
P2A COA D . -8.39 22.90 -9.70
O4A COA D . -9.15 23.19 -8.44
O5A COA D . -8.81 23.33 -11.07
O6A COA D . -8.19 21.32 -9.79
CBP COA D . -8.67 19.54 -11.14
CCP COA D . -7.72 20.71 -11.02
CDP COA D . -10.06 20.05 -10.74
CEP COA D . -8.19 18.48 -10.15
CAP COA D . -8.83 18.93 -12.51
OAP COA D . -7.55 18.24 -12.62
C9P COA D . -10.10 18.07 -12.53
O9P COA D . -10.82 17.91 -11.52
N8P COA D . -10.44 17.52 -13.69
C7P COA D . -11.27 16.34 -13.75
C6P COA D . -10.66 15.22 -12.92
C5P COA D . -9.22 15.02 -13.34
O5P COA D . -8.93 14.98 -14.53
N4P COA D . -8.27 14.82 -12.40
C3P COA D . -6.98 14.29 -12.81
C2P COA D . -5.97 14.08 -11.72
S1P COA D . -4.53 13.34 -12.55
C1 EDO E . -16.78 28.61 -10.16
O1 EDO E . -15.72 28.43 -9.27
C2 EDO E . -17.96 28.92 -9.36
O2 EDO E . -17.59 28.93 -7.98
C1 EDO F . 14.18 -4.58 -8.85
O1 EDO F . 14.77 -5.79 -8.38
C2 EDO F . 14.40 -4.37 -10.29
O2 EDO F . 15.00 -5.51 -10.91
C ACT G . 8.03 2.18 -24.34
O ACT G . 8.47 1.09 -24.76
OXT ACT G . 8.24 3.26 -24.92
CH3 ACT G . 7.24 2.20 -23.01
CA CA H . -10.45 5.30 -16.61
CA CA I . -20.99 -0.01 -14.10
C11 PAR J . 7.94 -12.48 10.69
O11 PAR J . 7.96 -12.80 9.32
C21 PAR J . 6.99 -11.31 10.80
N21 PAR J . 5.60 -11.63 10.42
C31 PAR J . 7.55 -10.16 9.98
O31 PAR J . 6.67 -9.05 10.01
C41 PAR J . 8.93 -9.79 10.51
O41 PAR J . 9.48 -8.79 9.66
C51 PAR J . 9.86 -11.00 10.52
O51 PAR J . 9.26 -12.15 11.19
C61 PAR J . 11.15 -10.69 11.25
O61 PAR J . 12.13 -11.71 11.04
C12 PAR J . 8.57 -16.39 7.36
N12 PAR J . 9.01 -17.63 6.65
C22 PAR J . 9.06 -15.12 6.65
C32 PAR J . 8.41 -13.93 7.35
N32 PAR J . 8.76 -12.65 6.67
C42 PAR J . 8.82 -13.84 8.81
C52 PAR J . 8.54 -15.18 9.53
O52 PAR J . 9.10 -15.20 10.85
C62 PAR J . 9.09 -16.39 8.78
O62 PAR J . 8.66 -17.60 9.42
C13 PAR J . 10.50 -15.06 10.94
C23 PAR J . 10.78 -14.74 12.41
O23 PAR J . 11.95 -13.97 12.56
C33 PAR J . 10.83 -16.12 13.06
O33 PAR J . 11.61 -16.19 14.26
C43 PAR J . 11.31 -17.03 11.92
O43 PAR J . 11.20 -16.27 10.69
C53 PAR J . 10.52 -18.32 11.81
O53 PAR J . 11.32 -19.38 11.31
C14 PAR J . 12.96 -16.63 14.34
C24 PAR J . 13.12 -18.08 13.87
N24 PAR J . 12.17 -19.00 14.50
C34 PAR J . 14.56 -18.57 14.04
O34 PAR J . 15.40 -17.91 13.09
C44 PAR J . 15.07 -18.34 15.46
O44 PAR J . 14.35 -19.20 16.35
C54 PAR J . 14.85 -16.87 15.83
O54 PAR J . 13.45 -16.53 15.70
C64 PAR J . 15.33 -16.54 17.23
N64 PAR J . 16.80 -16.62 17.41
N1A COA K . 2.42 -14.98 25.21
C2A COA K . 2.05 -15.19 23.94
N3A COA K . 0.95 -15.77 23.48
C4A COA K . 0.14 -16.16 24.49
C5A COA K . 0.39 -16.01 25.83
C6A COA K . 1.60 -15.38 26.21
N6A COA K . 1.98 -15.16 27.46
N7A COA K . -0.67 -16.55 26.57
C8A COA K . -1.50 -17.00 25.67
N9A COA K . -1.06 -16.78 24.38
C1B COA K . -1.73 -17.12 23.13
C2B COA K . -3.25 -17.13 23.23
O2B COA K . -3.85 -17.84 22.18
C3B COA K . -3.50 -15.62 23.18
O3B COA K . -4.85 -15.31 22.82
P3B COA K . -5.71 -14.77 24.10
O7A COA K . -7.16 -15.12 23.84
O8A COA K . -5.49 -13.26 24.18
O9A COA K . -5.16 -15.50 25.33
C4B COA K . -2.54 -15.20 22.08
O4B COA K . -1.42 -16.12 22.19
C5B COA K . -2.04 -13.77 22.16
O5B COA K . -2.23 -13.28 23.51
P1A COA K . -1.81 -11.82 24.01
O1A COA K . -2.68 -10.77 23.41
O2A COA K . -1.67 -11.83 25.51
O3A COA K . -0.39 -11.81 23.34
P2A COA K . 0.95 -11.01 23.62
O4A COA K . 0.64 -9.65 24.15
O5A COA K . 1.80 -11.96 24.39
O6A COA K . 1.59 -10.83 22.12
CBP COA K . 3.19 -11.66 20.47
CCP COA K . 1.96 -12.00 21.32
CDP COA K . 3.44 -12.78 19.44
CEP COA K . 2.92 -10.34 19.71
CAP COA K . 4.41 -11.46 21.40
OAP COA K . 4.61 -12.59 22.22
C9P COA K . 5.70 -11.12 20.67
O9P COA K . 6.00 -9.94 20.52
N8P COA K . 6.50 -12.11 20.30
C7P COA K . 7.79 -11.92 19.64
C6P COA K . 7.67 -11.30 18.24
C5P COA K . 6.74 -12.09 17.35
O5P COA K . 6.97 -13.26 17.13
N4P COA K . 5.62 -11.46 16.93
C3P COA K . 5.01 -11.57 15.61
C2P COA K . 5.00 -12.95 15.00
S1P COA K . 4.01 -13.03 13.47
C1 EDO L . -2.57 -14.29 -11.52
O1 EDO L . -3.31 -13.10 -11.27
C2 EDO L . -2.38 -14.54 -12.98
O2 EDO L . -2.82 -13.50 -13.87
CA CA M . 13.85 -11.39 9.49
#